data_3JDW
#
_entry.id   3JDW
#
_cell.length_a   83.760
_cell.length_b   83.760
_cell.length_c   199.650
_cell.angle_alpha   90.00
_cell.angle_beta   90.00
_cell.angle_gamma   90.00
#
_symmetry.space_group_name_H-M   'P 43 21 2'
#
loop_
_entity.id
_entity.type
_entity.pdbx_description
1 polymer 'L-ARGININE\:GLYCINE AMIDINOTRANSFERASE'
2 non-polymer L-ornithine
3 water water
#
_entity_poly.entity_id   1
_entity_poly.type   'polypeptide(L)'
_entity_poly.pdbx_seq_one_letter_code
;MLRVRCLRGGSRGAEAVHYIGSRLGRTLTGWVQRTFQSTQAATASSRNSCAADDKATEPLPKDCPVSSYNEWDPLEEVIV
GRAENACVPPFTIEVKANTYEKYWPFYQKQGGHYFPKDHLKKAVAEIEEMCNILKTEGVTVRRPDPIDWSLKYKTPDFES
TGLYSAMPRDILIVVGNEIIEAPMAWRSRFFEYRAYRSIIKDYFHRGAKWTTAPKPTMADELYNQDYPIHSVEDRHKLAA
QGKFVTTEFEPCFDAADFIRAGRDIFAQRSQVTNYLGIEWMRRHLAPDYRVHIISFKDPNPMHIDATFNIIGPGIVLSNP
DRPCHQIDLFKKAGWTIITPPTPIIPDDHPLWMSSKWLSMNVLMLDEKRVMVDANEVPIQKMFEKLGITTIKVNIRNANS
LGGGFHCWTCDVRRRGTLQSYLD
;
_entity_poly.pdbx_strand_id   A
#
# COMPACT_ATOMS: atom_id res chain seq x y z
N CYS A 64 22.87 11.61 -1.09
CA CYS A 64 21.55 11.66 -0.40
C CYS A 64 20.51 11.17 -1.38
N PRO A 65 20.59 9.91 -1.79
CA PRO A 65 19.64 9.36 -2.76
C PRO A 65 18.22 9.33 -2.24
N VAL A 66 18.08 9.22 -0.93
CA VAL A 66 16.78 9.12 -0.28
C VAL A 66 16.36 10.43 0.28
N SER A 67 15.16 10.87 -0.08
CA SER A 67 14.63 12.14 0.41
C SER A 67 13.23 12.35 -0.13
N SER A 68 12.21 12.07 0.68
CA SER A 68 10.84 12.22 0.25
C SER A 68 10.01 12.53 1.48
N TYR A 69 9.34 13.68 1.49
CA TYR A 69 8.52 14.11 2.63
C TYR A 69 7.01 14.00 2.41
N ASN A 70 6.60 13.76 1.18
CA ASN A 70 5.17 13.69 0.86
C ASN A 70 4.93 12.91 -0.41
N GLU A 71 3.70 12.89 -0.87
CA GLU A 71 3.29 12.14 -2.05
C GLU A 71 3.21 12.94 -3.36
N TRP A 72 3.62 14.19 -3.37
CA TRP A 72 3.48 14.97 -4.59
C TRP A 72 4.65 15.78 -5.13
N ASP A 73 5.69 16.03 -4.35
CA ASP A 73 6.81 16.80 -4.88
C ASP A 73 7.39 16.13 -6.13
N PRO A 74 8.09 16.88 -6.99
CA PRO A 74 8.68 16.35 -8.21
C PRO A 74 9.46 15.05 -7.99
N LEU A 75 8.92 13.97 -8.52
CA LEU A 75 9.52 12.65 -8.38
C LEU A 75 10.83 12.52 -9.12
N GLU A 76 11.81 11.93 -8.46
CA GLU A 76 13.11 11.73 -9.08
C GLU A 76 13.59 10.29 -9.06
N GLU A 77 13.20 9.52 -8.06
CA GLU A 77 13.60 8.12 -8.01
C GLU A 77 12.49 7.33 -7.39
N VAL A 78 12.27 6.13 -7.93
CA VAL A 78 11.20 5.27 -7.44
C VAL A 78 11.59 3.78 -7.54
N ILE A 79 11.03 2.96 -6.66
CA ILE A 79 11.25 1.52 -6.69
C ILE A 79 9.93 1.01 -7.24
N VAL A 80 9.98 0.17 -8.27
CA VAL A 80 8.79 -0.41 -8.86
C VAL A 80 8.80 -1.92 -8.62
N GLY A 81 7.68 -2.46 -8.13
CA GLY A 81 7.60 -3.87 -7.84
C GLY A 81 7.73 -4.84 -9.01
N ARG A 82 7.77 -6.14 -8.68
CA ARG A 82 7.89 -7.23 -9.64
C ARG A 82 6.72 -8.19 -9.45
N ALA A 83 6.19 -8.70 -10.56
CA ALA A 83 5.09 -9.65 -10.52
C ALA A 83 5.63 -11.06 -10.60
N GLU A 84 6.89 -11.20 -10.95
CA GLU A 84 7.50 -12.51 -11.07
C GLU A 84 7.40 -13.44 -9.87
N ASN A 85 6.98 -14.67 -10.13
CA ASN A 85 6.88 -15.72 -9.12
C ASN A 85 5.92 -15.49 -7.98
N ALA A 86 4.97 -14.59 -8.16
CA ALA A 86 3.99 -14.33 -7.12
C ALA A 86 3.29 -15.64 -6.81
N CYS A 87 3.01 -15.89 -5.52
CA CYS A 87 2.35 -17.11 -5.08
C CYS A 87 1.11 -16.79 -4.30
N VAL A 88 0.07 -17.62 -4.46
CA VAL A 88 -1.17 -17.44 -3.73
C VAL A 88 -0.79 -17.78 -2.28
N PRO A 89 -1.10 -16.90 -1.33
CA PRO A 89 -0.77 -17.17 0.08
C PRO A 89 -1.63 -18.24 0.70
N PRO A 90 -1.08 -19.03 1.66
CA PRO A 90 -1.88 -20.08 2.31
C PRO A 90 -3.11 -19.45 2.92
N PHE A 91 -4.24 -20.13 2.83
CA PHE A 91 -5.49 -19.59 3.33
C PHE A 91 -5.63 -19.62 4.84
N THR A 92 -4.88 -18.78 5.53
CA THR A 92 -4.95 -18.70 6.97
C THR A 92 -5.93 -17.60 7.38
N ILE A 93 -6.26 -17.53 8.67
CA ILE A 93 -7.22 -16.56 9.19
C ILE A 93 -7.06 -15.13 8.66
N GLU A 94 -5.85 -14.58 8.70
CA GLU A 94 -5.65 -13.20 8.23
C GLU A 94 -5.88 -13.02 6.71
N VAL A 95 -5.59 -14.05 5.92
CA VAL A 95 -5.81 -13.98 4.48
C VAL A 95 -7.31 -14.02 4.22
N LYS A 96 -8.01 -14.95 4.88
CA LYS A 96 -9.45 -15.08 4.74
C LYS A 96 -10.18 -13.79 5.09
N ALA A 97 -9.66 -13.06 6.07
CA ALA A 97 -10.25 -11.81 6.48
C ALA A 97 -10.19 -10.78 5.36
N ASN A 98 -9.27 -10.96 4.42
CA ASN A 98 -9.12 -10.02 3.31
C ASN A 98 -9.76 -10.48 2.00
N THR A 99 -10.15 -11.74 1.93
CA THR A 99 -10.70 -12.28 0.71
C THR A 99 -12.21 -12.30 0.52
N TYR A 100 -12.63 -11.79 -0.64
CA TYR A 100 -14.04 -11.76 -1.02
C TYR A 100 -14.51 -13.19 -1.20
N GLU A 101 -15.70 -13.50 -0.70
CA GLU A 101 -16.30 -14.84 -0.77
C GLU A 101 -16.10 -15.47 -2.17
N LYS A 102 -16.23 -14.64 -3.19
CA LYS A 102 -16.09 -15.01 -4.58
C LYS A 102 -14.77 -15.74 -4.91
N TYR A 103 -13.69 -15.41 -4.21
CA TYR A 103 -12.41 -16.05 -4.49
C TYR A 103 -11.96 -17.10 -3.50
N TRP A 104 -12.80 -17.42 -2.53
CA TRP A 104 -12.40 -18.42 -1.56
C TRP A 104 -11.96 -19.73 -2.15
N PRO A 105 -12.65 -20.21 -3.18
CA PRO A 105 -12.28 -21.49 -3.82
C PRO A 105 -10.91 -21.44 -4.48
N PHE A 106 -10.62 -20.31 -5.12
CA PHE A 106 -9.33 -20.08 -5.78
C PHE A 106 -8.21 -20.19 -4.74
N TYR A 107 -8.40 -19.54 -3.60
CA TYR A 107 -7.42 -19.57 -2.53
C TYR A 107 -7.34 -20.93 -1.89
N GLN A 108 -8.51 -21.58 -1.74
CA GLN A 108 -8.56 -22.91 -1.13
C GLN A 108 -7.87 -23.94 -2.01
N LYS A 109 -7.82 -23.71 -3.31
CA LYS A 109 -7.19 -24.66 -4.22
C LYS A 109 -5.79 -24.29 -4.67
N GLN A 110 -5.53 -22.99 -4.82
CA GLN A 110 -4.25 -22.45 -5.25
C GLN A 110 -3.24 -22.08 -4.16
N GLY A 111 -3.68 -22.06 -2.90
CA GLY A 111 -2.78 -21.71 -1.82
C GLY A 111 -1.43 -22.41 -1.95
N GLY A 112 -0.35 -21.65 -1.93
CA GLY A 112 0.97 -22.26 -2.03
C GLY A 112 1.52 -22.40 -3.44
N HIS A 113 0.71 -22.15 -4.47
CA HIS A 113 1.17 -22.26 -5.85
C HIS A 113 1.25 -20.89 -6.45
N TYR A 114 1.86 -20.79 -7.62
CA TYR A 114 1.98 -19.52 -8.33
C TYR A 114 0.64 -19.05 -8.82
N PHE A 115 0.48 -17.73 -8.89
CA PHE A 115 -0.75 -17.17 -9.42
C PHE A 115 -0.70 -17.62 -10.92
N PRO A 116 -1.86 -17.66 -11.61
CA PRO A 116 -1.90 -18.07 -13.02
C PRO A 116 -0.79 -17.45 -13.85
N LYS A 117 0.15 -18.26 -14.29
CA LYS A 117 1.27 -17.76 -15.07
C LYS A 117 0.93 -16.98 -16.34
N ASP A 118 -0.15 -17.34 -17.02
CA ASP A 118 -0.56 -16.61 -18.22
C ASP A 118 -0.91 -15.18 -17.82
N HIS A 119 -1.52 -15.04 -16.64
CA HIS A 119 -1.89 -13.74 -16.13
C HIS A 119 -0.64 -12.99 -15.65
N LEU A 120 0.28 -13.69 -15.01
CA LEU A 120 1.48 -13.03 -14.51
C LEU A 120 2.28 -12.48 -15.66
N LYS A 121 2.24 -13.17 -16.79
CA LYS A 121 3.00 -12.72 -17.96
C LYS A 121 2.48 -11.37 -18.48
N LYS A 122 1.17 -11.18 -18.42
CA LYS A 122 0.55 -9.93 -18.87
C LYS A 122 0.90 -8.79 -17.92
N ALA A 123 0.87 -9.08 -16.62
CA ALA A 123 1.25 -8.10 -15.60
C ALA A 123 2.72 -7.68 -15.78
N VAL A 124 3.61 -8.65 -16.02
CA VAL A 124 5.03 -8.36 -16.25
C VAL A 124 5.16 -7.34 -17.38
N ALA A 125 4.41 -7.56 -18.46
CA ALA A 125 4.44 -6.68 -19.64
C ALA A 125 3.98 -5.26 -19.28
N GLU A 126 2.83 -5.16 -18.63
CA GLU A 126 2.30 -3.86 -18.21
C GLU A 126 3.25 -3.08 -17.33
N ILE A 127 3.90 -3.75 -16.38
CA ILE A 127 4.82 -3.05 -15.49
C ILE A 127 6.12 -2.65 -16.20
N GLU A 128 6.53 -3.40 -17.22
CA GLU A 128 7.73 -3.01 -17.95
C GLU A 128 7.44 -1.74 -18.69
N GLU A 129 6.25 -1.68 -19.28
CA GLU A 129 5.85 -0.48 -20.00
C GLU A 129 5.77 0.71 -19.03
N MET A 130 5.14 0.50 -17.88
CA MET A 130 5.02 1.54 -16.87
C MET A 130 6.42 2.04 -16.54
N CYS A 131 7.38 1.13 -16.45
CA CYS A 131 8.75 1.56 -16.15
C CYS A 131 9.33 2.37 -17.29
N ASN A 132 9.02 1.98 -18.53
CA ASN A 132 9.52 2.74 -19.67
C ASN A 132 8.98 4.16 -19.60
N ILE A 133 7.70 4.29 -19.29
CA ILE A 133 7.08 5.61 -19.20
C ILE A 133 7.73 6.46 -18.11
N LEU A 134 8.01 5.85 -16.96
CA LEU A 134 8.65 6.57 -15.86
C LEU A 134 9.99 7.08 -16.31
N LYS A 135 10.74 6.27 -17.04
CA LYS A 135 12.05 6.72 -17.50
C LYS A 135 11.89 7.87 -18.47
N THR A 136 10.88 7.79 -19.32
CA THR A 136 10.58 8.86 -20.27
C THR A 136 10.27 10.12 -19.48
N GLU A 137 9.51 9.98 -18.40
CA GLU A 137 9.17 11.14 -17.59
C GLU A 137 10.31 11.63 -16.71
N GLY A 138 11.53 11.13 -16.91
CA GLY A 138 12.66 11.57 -16.12
C GLY A 138 12.89 10.94 -14.75
N VAL A 139 12.16 9.88 -14.45
CA VAL A 139 12.28 9.20 -13.17
C VAL A 139 13.25 8.02 -13.24
N THR A 140 14.10 7.89 -12.23
CA THR A 140 15.05 6.79 -12.15
C THR A 140 14.30 5.62 -11.52
N VAL A 141 14.34 4.46 -12.15
CA VAL A 141 13.63 3.31 -11.63
C VAL A 141 14.57 2.21 -11.12
N ARG A 142 14.26 1.66 -9.94
CA ARG A 142 15.04 0.57 -9.35
C ARG A 142 14.03 -0.56 -9.15
N ARG A 143 14.45 -1.81 -9.28
CA ARG A 143 13.54 -2.94 -9.10
C ARG A 143 14.05 -3.93 -8.07
N PRO A 144 13.16 -4.57 -7.32
CA PRO A 144 13.66 -5.53 -6.34
C PRO A 144 14.25 -6.74 -7.05
N ASP A 145 15.00 -7.57 -6.33
CA ASP A 145 15.62 -8.75 -6.91
C ASP A 145 14.56 -9.78 -7.18
N PRO A 146 14.76 -10.61 -8.21
CA PRO A 146 13.78 -11.65 -8.54
C PRO A 146 13.97 -12.74 -7.50
N ILE A 147 12.87 -13.33 -7.02
CA ILE A 147 12.93 -14.36 -5.98
C ILE A 147 11.81 -15.37 -6.17
N ASP A 148 12.05 -16.61 -5.77
CA ASP A 148 11.01 -17.59 -5.87
C ASP A 148 10.21 -17.55 -4.57
N TRP A 149 9.00 -17.00 -4.62
CA TRP A 149 8.16 -16.90 -3.44
C TRP A 149 7.51 -18.19 -3.00
N SER A 150 7.79 -19.29 -3.69
CA SER A 150 7.18 -20.57 -3.31
C SER A 150 7.97 -21.34 -2.25
N LEU A 151 9.17 -20.86 -1.92
CA LEU A 151 9.99 -21.51 -0.91
C LEU A 151 9.27 -21.49 0.42
N LYS A 152 9.19 -22.64 1.06
CA LYS A 152 8.55 -22.78 2.36
C LYS A 152 9.56 -22.51 3.46
N TYR A 153 9.24 -21.61 4.37
CA TYR A 153 10.14 -21.30 5.46
C TYR A 153 9.48 -21.67 6.78
N LYS A 154 10.27 -21.70 7.84
CA LYS A 154 9.78 -22.08 9.14
C LYS A 154 10.45 -21.31 10.27
N THR A 155 9.67 -20.56 11.05
CA THR A 155 10.22 -19.84 12.19
C THR A 155 9.78 -20.67 13.39
N PRO A 156 10.31 -20.40 14.61
CA PRO A 156 9.84 -21.23 15.73
C PRO A 156 8.35 -21.08 16.02
N ASP A 157 7.69 -20.12 15.38
CA ASP A 157 6.26 -19.86 15.62
C ASP A 157 5.25 -20.31 14.56
N PHE A 158 5.71 -20.55 13.34
CA PHE A 158 4.80 -20.93 12.24
C PHE A 158 5.60 -21.36 11.02
N GLU A 159 4.89 -21.81 10.00
CA GLU A 159 5.53 -22.25 8.78
C GLU A 159 4.71 -21.66 7.63
N SER A 160 5.32 -21.28 6.53
CA SER A 160 4.53 -20.71 5.43
C SER A 160 5.28 -20.59 4.14
N THR A 161 4.57 -20.28 3.05
CA THR A 161 5.19 -20.04 1.75
C THR A 161 5.00 -18.53 1.58
N GLY A 162 5.76 -17.90 0.67
CA GLY A 162 5.67 -16.45 0.49
C GLY A 162 4.59 -15.91 -0.43
N LEU A 163 4.62 -14.61 -0.70
CA LEU A 163 3.61 -13.98 -1.55
C LEU A 163 4.29 -13.37 -2.79
N TYR A 164 4.85 -12.18 -2.68
CA TYR A 164 5.51 -11.55 -3.82
C TYR A 164 6.23 -10.28 -3.37
N SER A 165 6.85 -9.57 -4.31
CA SER A 165 7.48 -8.30 -3.97
C SER A 165 6.89 -7.33 -5.01
N ALA A 166 5.59 -7.46 -5.23
CA ALA A 166 4.89 -6.63 -6.20
C ALA A 166 4.60 -5.24 -5.67
N MET A 167 4.37 -5.14 -4.36
CA MET A 167 4.02 -3.86 -3.79
C MET A 167 5.05 -3.24 -2.85
N PRO A 168 5.95 -2.42 -3.37
CA PRO A 168 6.94 -1.80 -2.48
C PRO A 168 6.28 -0.94 -1.42
N ARG A 169 5.12 -0.36 -1.75
CA ARG A 169 4.41 0.50 -0.83
C ARG A 169 3.94 -0.25 0.42
N ASP A 170 3.75 -1.55 0.32
CA ASP A 170 3.26 -2.32 1.46
C ASP A 170 4.31 -2.51 2.55
N ILE A 171 5.57 -2.50 2.15
CA ILE A 171 6.68 -2.77 3.07
C ILE A 171 7.67 -1.64 3.31
N LEU A 172 7.85 -0.72 2.37
CA LEU A 172 8.80 0.37 2.56
C LEU A 172 8.12 1.72 2.58
N ILE A 173 8.54 2.61 3.47
CA ILE A 173 7.99 3.95 3.53
C ILE A 173 9.19 4.86 3.76
N VAL A 174 9.24 5.99 3.05
CA VAL A 174 10.33 6.95 3.18
C VAL A 174 9.85 8.20 3.91
N VAL A 175 10.49 8.48 5.04
CA VAL A 175 10.17 9.67 5.83
C VAL A 175 11.47 10.45 5.88
N GLY A 176 11.58 11.48 5.05
CA GLY A 176 12.79 12.25 5.03
C GLY A 176 13.89 11.48 4.32
N ASN A 177 15.04 11.34 4.99
CA ASN A 177 16.21 10.63 4.46
C ASN A 177 16.26 9.25 5.04
N GLU A 178 15.13 8.77 5.55
CA GLU A 178 15.11 7.49 6.21
C GLU A 178 14.16 6.51 5.56
N ILE A 179 14.67 5.33 5.25
CA ILE A 179 13.85 4.29 4.68
C ILE A 179 13.51 3.31 5.81
N ILE A 180 12.21 3.07 5.98
CA ILE A 180 11.67 2.21 7.02
C ILE A 180 11.02 0.96 6.42
N GLU A 181 11.43 -0.21 6.91
CA GLU A 181 10.87 -1.48 6.46
C GLU A 181 9.80 -1.82 7.48
N ALA A 182 8.57 -1.95 7.02
CA ALA A 182 7.46 -2.29 7.91
C ALA A 182 7.64 -3.74 8.35
N PRO A 183 7.06 -4.13 9.51
CA PRO A 183 7.16 -5.50 10.04
C PRO A 183 6.26 -6.50 9.32
N MET A 184 5.13 -6.00 8.81
CA MET A 184 4.11 -6.82 8.13
C MET A 184 3.23 -7.49 9.18
N ALA A 185 2.15 -8.12 8.73
CA ALA A 185 1.21 -8.77 9.65
C ALA A 185 0.81 -10.12 9.12
N TRP A 186 1.11 -10.39 7.85
CA TRP A 186 0.77 -11.66 7.23
C TRP A 186 1.96 -12.59 7.31
N ARG A 187 1.70 -13.86 7.62
CA ARG A 187 2.76 -14.85 7.71
C ARG A 187 3.46 -15.08 6.39
N SER A 188 2.72 -14.99 5.29
CA SER A 188 3.32 -15.20 3.96
C SER A 188 4.14 -14.00 3.51
N ARG A 189 4.26 -12.98 4.36
CA ARG A 189 5.01 -11.79 3.99
C ARG A 189 6.13 -11.52 4.96
N PHE A 190 6.39 -12.50 5.83
CA PHE A 190 7.42 -12.38 6.85
C PHE A 190 8.78 -12.09 6.25
N PHE A 191 9.13 -12.77 5.16
CA PHE A 191 10.44 -12.59 4.54
C PHE A 191 10.40 -11.75 3.26
N GLU A 192 9.39 -10.91 3.13
CA GLU A 192 9.28 -10.12 1.93
C GLU A 192 10.41 -9.10 1.80
N TYR A 193 10.99 -8.67 2.92
CA TYR A 193 12.08 -7.69 2.86
C TYR A 193 13.31 -8.14 2.10
N ARG A 194 13.49 -9.45 1.94
CA ARG A 194 14.65 -9.98 1.24
C ARG A 194 14.80 -9.50 -0.20
N ALA A 195 13.69 -9.21 -0.87
CA ALA A 195 13.77 -8.76 -2.25
C ALA A 195 14.32 -7.34 -2.39
N TYR A 196 14.22 -6.55 -1.31
CA TYR A 196 14.65 -5.15 -1.35
C TYR A 196 15.99 -4.79 -0.71
N ARG A 197 16.65 -5.77 -0.09
CA ARG A 197 17.91 -5.50 0.58
C ARG A 197 19.06 -5.02 -0.30
N SER A 198 19.12 -5.46 -1.55
CA SER A 198 20.18 -5.00 -2.45
C SER A 198 20.04 -3.50 -2.66
N ILE A 199 18.83 -3.04 -2.95
CA ILE A 199 18.56 -1.61 -3.14
C ILE A 199 18.86 -0.81 -1.85
N ILE A 200 18.27 -1.22 -0.72
CA ILE A 200 18.44 -0.53 0.56
C ILE A 200 19.88 -0.44 1.01
N LYS A 201 20.67 -1.50 0.85
CA LYS A 201 22.07 -1.41 1.27
C LYS A 201 22.82 -0.40 0.42
N ASP A 202 22.45 -0.26 -0.86
CA ASP A 202 23.08 0.71 -1.75
C ASP A 202 22.78 2.10 -1.23
N TYR A 203 21.52 2.38 -0.93
CA TYR A 203 21.16 3.69 -0.40
C TYR A 203 21.88 3.92 0.92
N PHE A 204 21.96 2.89 1.76
CA PHE A 204 22.67 2.99 3.04
C PHE A 204 24.13 3.34 2.82
N HIS A 205 24.80 2.63 1.94
CA HIS A 205 26.19 2.96 1.63
C HIS A 205 26.31 4.40 1.14
N ARG A 206 25.27 4.91 0.49
CA ARG A 206 25.27 6.28 -0.04
C ARG A 206 24.75 7.34 0.91
N GLY A 207 24.64 7.00 2.19
CA GLY A 207 24.24 7.95 3.19
C GLY A 207 22.84 7.95 3.75
N ALA A 208 21.98 7.06 3.30
CA ALA A 208 20.61 7.07 3.80
C ALA A 208 20.47 6.39 5.16
N LYS A 209 19.45 6.78 5.92
CA LYS A 209 19.18 6.15 7.21
C LYS A 209 18.34 4.92 6.91
N TRP A 210 18.52 3.87 7.69
CA TRP A 210 17.80 2.64 7.43
C TRP A 210 17.28 2.10 8.74
N THR A 211 15.98 1.86 8.79
CA THR A 211 15.29 1.38 9.97
C THR A 211 14.39 0.19 9.64
N THR A 212 14.36 -0.83 10.50
CA THR A 212 13.45 -1.94 10.31
C THR A 212 12.67 -1.94 11.61
N ALA A 213 11.35 -1.74 11.53
CA ALA A 213 10.48 -1.73 12.70
C ALA A 213 10.54 -3.15 13.28
N PRO A 214 10.22 -3.33 14.58
CA PRO A 214 10.28 -4.69 15.15
C PRO A 214 9.45 -5.76 14.48
N LYS A 215 10.15 -6.78 13.99
CA LYS A 215 9.56 -7.92 13.32
C LYS A 215 8.79 -8.77 14.32
N PRO A 216 7.47 -8.99 14.09
CA PRO A 216 6.63 -9.78 14.99
C PRO A 216 6.98 -11.25 15.01
N THR A 217 6.43 -11.98 15.96
CA THR A 217 6.64 -13.42 16.02
C THR A 217 5.55 -14.00 15.11
N MET A 218 4.40 -13.33 15.06
CA MET A 218 3.29 -13.78 14.25
C MET A 218 2.79 -15.13 14.77
N ALA A 219 2.82 -15.28 16.08
CA ALA A 219 2.32 -16.48 16.72
C ALA A 219 0.80 -16.33 16.78
N ASP A 220 0.10 -17.42 17.03
CA ASP A 220 -1.35 -17.42 17.10
C ASP A 220 -1.92 -16.26 17.87
N GLU A 221 -1.24 -15.87 18.95
CA GLU A 221 -1.72 -14.79 19.77
C GLU A 221 -1.92 -13.47 19.03
N LEU A 222 -1.32 -13.33 17.85
CA LEU A 222 -1.48 -12.08 17.13
C LEU A 222 -2.78 -12.04 16.34
N TYR A 223 -3.38 -13.19 16.11
CA TYR A 223 -4.59 -13.29 15.32
C TYR A 223 -5.77 -13.69 16.15
N ASN A 224 -6.87 -13.00 15.89
CA ASN A 224 -8.13 -13.23 16.56
C ASN A 224 -8.71 -14.43 15.85
N GLN A 225 -8.36 -15.60 16.35
CA GLN A 225 -8.81 -16.84 15.75
C GLN A 225 -10.29 -16.96 15.48
N ASP A 226 -11.12 -16.34 16.32
CA ASP A 226 -12.56 -16.41 16.10
C ASP A 226 -13.21 -15.15 15.51
N TYR A 227 -12.49 -14.53 14.57
CA TYR A 227 -12.98 -13.33 13.90
C TYR A 227 -14.16 -13.80 13.03
N PRO A 228 -15.23 -13.00 12.91
CA PRO A 228 -16.38 -13.40 12.09
C PRO A 228 -16.10 -13.17 10.61
N ILE A 229 -15.01 -13.76 10.13
CA ILE A 229 -14.63 -13.60 8.75
C ILE A 229 -15.69 -14.04 7.79
N HIS A 230 -16.13 -15.29 7.96
CA HIS A 230 -17.13 -16.01 7.12
C HIS A 230 -18.23 -15.21 6.43
N SER A 231 -18.40 -13.98 6.89
CA SER A 231 -19.36 -12.96 6.42
C SER A 231 -20.12 -12.67 7.68
N VAL A 232 -20.40 -11.41 7.91
CA VAL A 232 -21.13 -11.04 9.10
C VAL A 232 -21.38 -9.55 9.15
N GLU A 233 -20.50 -8.78 8.52
CA GLU A 233 -20.66 -7.32 8.51
C GLU A 233 -20.67 -6.59 9.85
N ASP A 234 -20.92 -7.30 10.96
CA ASP A 234 -20.82 -6.67 12.28
C ASP A 234 -19.30 -6.51 12.52
N ARG A 235 -18.52 -6.82 11.47
CA ARG A 235 -17.07 -6.64 11.44
C ARG A 235 -16.99 -5.12 11.59
N HIS A 236 -18.02 -4.45 11.04
CA HIS A 236 -18.19 -2.99 11.12
C HIS A 236 -18.25 -2.60 12.60
N LYS A 237 -18.95 -3.42 13.39
CA LYS A 237 -19.13 -3.21 14.82
C LYS A 237 -17.82 -3.31 15.57
N LEU A 238 -17.07 -4.37 15.29
CA LEU A 238 -15.76 -4.56 15.91
C LEU A 238 -14.88 -3.44 15.37
N ALA A 239 -15.07 -3.14 14.08
CA ALA A 239 -14.34 -2.10 13.36
C ALA A 239 -14.54 -0.76 14.05
N ALA A 240 -15.74 -0.60 14.61
CA ALA A 240 -16.11 0.62 15.35
C ALA A 240 -15.35 0.62 16.66
N GLN A 241 -15.09 -0.57 17.18
CA GLN A 241 -14.38 -0.74 18.43
C GLN A 241 -12.85 -0.77 18.23
N GLY A 242 -12.41 -0.58 16.99
CA GLY A 242 -10.98 -0.62 16.68
C GLY A 242 -10.50 -2.05 16.80
N LYS A 243 -11.40 -3.00 16.63
CA LYS A 243 -11.10 -4.42 16.74
C LYS A 243 -11.16 -5.16 15.40
N PHE A 244 -10.06 -5.83 15.06
CA PHE A 244 -9.94 -6.55 13.79
C PHE A 244 -9.39 -7.97 13.93
N VAL A 245 -8.88 -8.55 12.83
CA VAL A 245 -8.32 -9.90 12.89
C VAL A 245 -6.98 -9.94 13.63
N THR A 246 -6.27 -8.82 13.70
CA THR A 246 -5.00 -8.76 14.43
C THR A 246 -5.24 -8.16 15.82
N THR A 247 -4.72 -8.83 16.84
CA THR A 247 -4.84 -8.39 18.20
C THR A 247 -3.75 -7.36 18.48
N GLU A 248 -3.60 -7.01 19.76
CA GLU A 248 -2.60 -6.06 20.18
C GLU A 248 -1.48 -6.81 20.90
N PHE A 249 -1.29 -8.06 20.51
CA PHE A 249 -0.27 -8.90 21.11
C PHE A 249 1.16 -8.36 20.97
N GLU A 250 1.49 -7.85 19.79
CA GLU A 250 2.82 -7.30 19.51
C GLU A 250 2.64 -6.32 18.35
N PRO A 251 3.59 -5.40 18.16
CA PRO A 251 3.48 -4.44 17.06
C PRO A 251 3.46 -5.06 15.67
N CYS A 252 2.64 -4.52 14.77
CA CYS A 252 2.60 -5.01 13.40
C CYS A 252 1.94 -3.95 12.55
N PHE A 253 2.29 -3.89 11.26
CA PHE A 253 1.72 -2.93 10.33
C PHE A 253 2.28 -3.07 8.93
N ASP A 254 1.54 -2.55 7.94
CA ASP A 254 1.99 -2.52 6.55
C ASP A 254 2.27 -1.03 6.34
N ALA A 255 3.34 -0.68 5.64
CA ALA A 255 3.64 0.73 5.47
C ALA A 255 2.52 1.49 4.78
N ALA A 256 1.75 0.79 3.96
CA ALA A 256 0.67 1.41 3.19
C ALA A 256 -0.53 1.93 3.98
N ASP A 257 -0.50 1.77 5.31
CA ASP A 257 -1.57 2.27 6.15
C ASP A 257 -1.20 3.66 6.61
N PHE A 258 -0.03 4.12 6.19
CA PHE A 258 0.46 5.46 6.50
C PHE A 258 0.54 6.23 5.17
N ILE A 259 0.14 7.50 5.18
CA ILE A 259 0.21 8.32 3.96
C ILE A 259 0.79 9.65 4.42
N ARG A 260 1.82 10.13 3.73
CA ARG A 260 2.56 11.32 4.13
C ARG A 260 2.18 12.68 3.59
N ALA A 261 2.15 13.67 4.49
CA ALA A 261 1.88 15.06 4.16
C ALA A 261 2.90 15.96 4.89
N GLY A 262 4.19 15.76 4.63
CA GLY A 262 5.20 16.56 5.29
C GLY A 262 5.35 16.20 6.76
N ARG A 263 5.18 17.17 7.64
CA ARG A 263 5.30 16.93 9.07
C ARG A 263 4.15 16.15 9.66
N ASP A 264 3.15 15.84 8.88
CA ASP A 264 2.00 15.09 9.39
C ASP A 264 1.80 13.85 8.57
N ILE A 265 1.74 12.70 9.24
CA ILE A 265 1.55 11.41 8.61
C ILE A 265 0.26 10.91 9.20
N PHE A 266 -0.60 10.34 8.37
CA PHE A 266 -1.88 9.85 8.81
C PHE A 266 -1.85 8.36 8.74
N ALA A 267 -2.37 7.69 9.75
CA ALA A 267 -2.33 6.23 9.78
C ALA A 267 -3.72 5.72 10.02
N GLN A 268 -3.96 4.47 9.67
CA GLN A 268 -5.28 3.88 9.89
C GLN A 268 -5.08 2.53 10.59
N ARG A 269 -5.86 2.26 11.63
CA ARG A 269 -5.76 0.97 12.31
C ARG A 269 -6.53 0.10 11.36
N SER A 270 -5.91 -0.96 10.86
CA SER A 270 -6.57 -1.83 9.90
C SER A 270 -6.42 -3.29 10.25
N GLN A 271 -6.80 -4.18 9.34
CA GLN A 271 -6.67 -5.61 9.58
C GLN A 271 -5.21 -5.96 9.82
N VAL A 272 -4.29 -5.23 9.19
CA VAL A 272 -2.86 -5.54 9.32
C VAL A 272 -2.05 -4.58 10.15
N THR A 273 -2.63 -3.42 10.50
CA THR A 273 -1.94 -2.41 11.31
C THR A 273 -2.66 -2.20 12.66
N ASN A 274 -2.04 -2.59 13.78
CA ASN A 274 -2.64 -2.41 15.09
C ASN A 274 -2.22 -1.11 15.77
N TYR A 275 -2.79 -0.80 16.94
CA TYR A 275 -2.42 0.43 17.63
C TYR A 275 -1.00 0.43 18.14
N LEU A 276 -0.51 -0.76 18.49
CA LEU A 276 0.86 -0.87 18.97
C LEU A 276 1.80 -0.49 17.82
N GLY A 277 1.48 -0.97 16.61
CA GLY A 277 2.29 -0.66 15.44
C GLY A 277 2.32 0.84 15.17
N ILE A 278 1.16 1.48 15.28
CA ILE A 278 1.05 2.92 15.06
C ILE A 278 1.81 3.70 16.16
N GLU A 279 1.72 3.21 17.40
CA GLU A 279 2.40 3.86 18.52
C GLU A 279 3.89 3.74 18.35
N TRP A 280 4.35 2.59 17.84
CA TRP A 280 5.78 2.42 17.59
C TRP A 280 6.25 3.50 16.61
N MET A 281 5.53 3.65 15.48
CA MET A 281 5.84 4.68 14.47
C MET A 281 5.79 6.09 15.07
N ARG A 282 4.70 6.41 15.76
CA ARG A 282 4.57 7.73 16.39
C ARG A 282 5.77 8.02 17.29
N ARG A 283 6.09 7.08 18.16
CA ARG A 283 7.19 7.23 19.11
C ARG A 283 8.54 7.26 18.43
N HIS A 284 8.71 6.46 17.38
CA HIS A 284 9.97 6.44 16.65
C HIS A 284 10.20 7.73 15.88
N LEU A 285 9.14 8.33 15.33
CA LEU A 285 9.29 9.55 14.53
C LEU A 285 9.16 10.88 15.25
N ALA A 286 8.58 10.89 16.44
CA ALA A 286 8.45 12.12 17.20
C ALA A 286 9.86 12.56 17.56
N PRO A 287 10.08 13.87 17.77
CA PRO A 287 9.16 14.99 17.68
C PRO A 287 9.05 15.68 16.32
N ASP A 288 9.84 15.25 15.35
CA ASP A 288 9.80 15.89 14.03
C ASP A 288 8.51 15.70 13.25
N TYR A 289 7.94 14.50 13.35
CA TYR A 289 6.73 14.16 12.65
C TYR A 289 5.67 13.81 13.64
N ARG A 290 4.43 14.11 13.29
CA ARG A 290 3.28 13.82 14.12
C ARG A 290 2.51 12.76 13.34
N VAL A 291 2.23 11.62 13.96
CA VAL A 291 1.48 10.55 13.31
C VAL A 291 0.06 10.63 13.86
N HIS A 292 -0.93 10.85 13.00
CA HIS A 292 -2.33 10.98 13.42
C HIS A 292 -3.09 9.77 13.00
N ILE A 293 -4.07 9.35 13.78
CA ILE A 293 -4.85 8.18 13.44
C ILE A 293 -6.18 8.65 12.94
N ILE A 294 -6.62 8.07 11.83
CA ILE A 294 -7.90 8.41 11.26
C ILE A 294 -8.61 7.11 10.91
N SER A 295 -9.93 7.16 10.86
CA SER A 295 -10.72 5.98 10.56
C SER A 295 -11.75 6.28 9.49
N PHE A 296 -12.28 5.22 8.87
CA PHE A 296 -13.24 5.39 7.80
C PHE A 296 -14.30 4.31 7.94
N LYS A 297 -15.37 4.44 7.18
CA LYS A 297 -16.42 3.43 7.19
C LYS A 297 -15.92 2.33 6.26
N ASP A 298 -15.33 1.27 6.83
CA ASP A 298 -14.77 0.16 6.04
C ASP A 298 -14.77 -1.11 6.92
N PRO A 299 -15.46 -2.20 6.49
CA PRO A 299 -15.55 -3.47 7.23
C PRO A 299 -14.32 -4.37 7.03
N ASN A 300 -13.42 -3.93 6.16
CA ASN A 300 -12.19 -4.66 5.88
C ASN A 300 -11.06 -3.74 5.43
N PRO A 301 -10.55 -2.91 6.35
CA PRO A 301 -9.46 -2.00 5.96
C PRO A 301 -8.10 -2.67 5.90
N MET A 302 -7.35 -2.35 4.86
CA MET A 302 -6.01 -2.84 4.66
C MET A 302 -5.40 -1.86 3.66
N HIS A 303 -4.54 -0.97 4.17
CA HIS A 303 -3.90 0.08 3.39
C HIS A 303 -4.84 1.27 3.29
N ILE A 304 -4.28 2.48 3.25
CA ILE A 304 -5.06 3.70 3.19
C ILE A 304 -5.12 4.40 1.82
N ASP A 305 -4.25 4.00 0.90
CA ASP A 305 -4.15 4.63 -0.42
C ASP A 305 -5.23 4.38 -1.46
N ALA A 306 -6.27 3.62 -1.12
CA ALA A 306 -7.39 3.42 -2.03
C ALA A 306 -8.61 3.90 -1.23
N THR A 307 -8.35 4.73 -0.23
CA THR A 307 -9.37 5.28 0.65
C THR A 307 -9.19 6.77 0.87
N PHE A 308 -7.96 7.19 1.13
CA PHE A 308 -7.67 8.59 1.41
C PHE A 308 -6.30 8.79 0.75
N ASN A 309 -6.28 9.15 -0.53
CA ASN A 309 -5.00 9.33 -1.23
C ASN A 309 -4.72 10.83 -1.33
N ILE A 310 -3.71 11.30 -0.62
CA ILE A 310 -3.33 12.72 -0.62
C ILE A 310 -2.54 13.05 -1.89
N ILE A 311 -3.10 13.92 -2.75
CA ILE A 311 -2.47 14.25 -4.03
C ILE A 311 -1.79 15.58 -4.21
N GLY A 312 -1.81 16.43 -3.21
CA GLY A 312 -1.16 17.72 -3.34
C GLY A 312 -1.28 18.40 -2.01
N PRO A 313 -0.61 19.53 -1.81
CA PRO A 313 -0.68 20.27 -0.56
C PRO A 313 -2.11 20.66 -0.30
N GLY A 314 -2.76 19.99 0.64
CA GLY A 314 -4.14 20.31 0.95
C GLY A 314 -5.19 19.75 0.01
N ILE A 315 -4.84 18.76 -0.80
CA ILE A 315 -5.82 18.17 -1.72
C ILE A 315 -5.77 16.70 -1.46
N VAL A 316 -6.93 16.10 -1.29
CA VAL A 316 -7.02 14.68 -1.02
C VAL A 316 -8.22 14.08 -1.74
N LEU A 317 -8.02 12.86 -2.25
CA LEU A 317 -9.04 12.07 -2.93
C LEU A 317 -9.64 11.17 -1.85
N SER A 318 -10.93 11.34 -1.58
CA SER A 318 -11.61 10.55 -0.58
C SER A 318 -12.61 9.60 -1.23
N ASN A 319 -12.38 8.31 -1.05
CA ASN A 319 -13.23 7.27 -1.59
C ASN A 319 -14.64 7.50 -1.05
N PRO A 320 -15.64 7.64 -1.94
CA PRO A 320 -17.03 7.87 -1.55
C PRO A 320 -17.66 6.73 -0.73
N ASP A 321 -17.18 5.51 -0.93
CA ASP A 321 -17.69 4.34 -0.20
C ASP A 321 -17.07 4.22 1.20
N ARG A 322 -15.98 4.93 1.45
CA ARG A 322 -15.28 4.86 2.72
C ARG A 322 -15.06 6.24 3.31
N PRO A 323 -16.12 6.88 3.80
CA PRO A 323 -16.03 8.22 4.40
C PRO A 323 -15.20 8.24 5.69
N CYS A 324 -14.50 9.34 5.89
CA CYS A 324 -13.62 9.52 7.04
C CYS A 324 -14.35 10.07 8.24
N HIS A 325 -14.19 9.41 9.37
CA HIS A 325 -14.84 9.87 10.59
C HIS A 325 -14.30 11.22 11.06
N GLN A 326 -13.08 11.57 10.64
CA GLN A 326 -12.48 12.83 11.05
C GLN A 326 -12.38 13.84 9.91
N ILE A 327 -13.28 13.76 8.93
CA ILE A 327 -13.25 14.70 7.80
C ILE A 327 -13.27 16.17 8.19
N ASP A 328 -13.86 16.49 9.34
CA ASP A 328 -13.90 17.89 9.78
C ASP A 328 -12.56 18.44 10.17
N LEU A 329 -11.63 17.59 10.58
CA LEU A 329 -10.29 18.02 10.91
C LEU A 329 -9.71 18.64 9.62
N PHE A 330 -10.00 18.01 8.49
CA PHE A 330 -9.49 18.46 7.21
C PHE A 330 -10.22 19.64 6.65
N LYS A 331 -11.54 19.68 6.82
CA LYS A 331 -12.30 20.82 6.35
C LYS A 331 -11.85 22.07 7.12
N LYS A 332 -11.72 21.97 8.43
CA LYS A 332 -11.26 23.10 9.20
C LYS A 332 -9.86 23.59 8.80
N ALA A 333 -9.05 22.71 8.21
CA ALA A 333 -7.69 23.06 7.78
C ALA A 333 -7.70 23.74 6.42
N GLY A 334 -8.88 23.79 5.80
CA GLY A 334 -9.00 24.40 4.49
C GLY A 334 -8.54 23.48 3.38
N TRP A 335 -8.63 22.17 3.61
CA TRP A 335 -8.23 21.19 2.62
C TRP A 335 -9.38 20.91 1.67
N THR A 336 -9.03 20.63 0.42
CA THR A 336 -10.00 20.31 -0.62
C THR A 336 -10.19 18.81 -0.70
N ILE A 337 -11.40 18.33 -0.41
CA ILE A 337 -11.70 16.89 -0.47
C ILE A 337 -12.49 16.63 -1.76
N ILE A 338 -11.85 15.89 -2.67
CA ILE A 338 -12.38 15.52 -3.97
C ILE A 338 -12.84 14.06 -3.91
N THR A 339 -14.08 13.76 -4.29
CA THR A 339 -14.50 12.35 -4.28
C THR A 339 -14.50 11.90 -5.75
N PRO A 340 -13.61 10.95 -6.09
CA PRO A 340 -13.51 10.45 -7.45
C PRO A 340 -14.79 9.75 -7.91
N PRO A 341 -14.97 9.62 -9.24
CA PRO A 341 -16.16 8.96 -9.75
C PRO A 341 -15.87 7.49 -9.64
N THR A 342 -16.90 6.66 -9.77
CA THR A 342 -16.76 5.22 -9.66
C THR A 342 -15.86 4.54 -10.70
N PRO A 343 -15.22 3.44 -10.31
CA PRO A 343 -14.34 2.72 -11.23
C PRO A 343 -15.19 2.09 -12.30
N ILE A 344 -14.61 1.85 -13.46
CA ILE A 344 -15.36 1.23 -14.52
C ILE A 344 -14.80 -0.16 -14.87
N ILE A 345 -13.91 -0.69 -14.03
CA ILE A 345 -13.34 -2.01 -14.29
C ILE A 345 -14.47 -3.06 -14.30
N PRO A 346 -14.45 -3.98 -15.29
CA PRO A 346 -15.45 -5.03 -15.44
C PRO A 346 -15.46 -5.91 -14.23
N ASP A 347 -16.65 -6.37 -13.84
CA ASP A 347 -16.78 -7.24 -12.69
C ASP A 347 -16.26 -8.63 -12.99
N ASP A 348 -16.10 -8.95 -14.27
CA ASP A 348 -15.58 -10.26 -14.63
C ASP A 348 -14.04 -10.34 -14.54
N HIS A 349 -13.37 -9.20 -14.37
CA HIS A 349 -11.92 -9.22 -14.25
C HIS A 349 -11.53 -9.59 -12.81
N PRO A 350 -10.60 -10.54 -12.63
CA PRO A 350 -10.19 -10.94 -11.29
C PRO A 350 -9.35 -9.94 -10.51
N LEU A 351 -9.81 -9.65 -9.30
CA LEU A 351 -9.12 -8.77 -8.36
C LEU A 351 -9.03 -9.64 -7.10
N TRP A 352 -8.00 -10.48 -7.05
CA TRP A 352 -7.81 -11.42 -5.94
C TRP A 352 -7.48 -10.82 -4.61
N MET A 353 -6.78 -9.69 -4.61
CA MET A 353 -6.34 -9.05 -3.37
C MET A 353 -6.97 -7.71 -2.96
N SER A 354 -7.87 -7.15 -3.76
CA SER A 354 -8.46 -5.86 -3.40
C SER A 354 -9.83 -5.58 -3.99
N SER A 355 -10.27 -4.35 -3.79
CA SER A 355 -11.54 -3.86 -4.31
C SER A 355 -11.27 -3.22 -5.68
N LYS A 356 -12.33 -2.70 -6.29
CA LYS A 356 -12.27 -2.05 -7.60
C LYS A 356 -11.70 -0.67 -7.47
N TRP A 357 -11.56 -0.20 -6.25
CA TRP A 357 -11.07 1.15 -6.02
C TRP A 357 -9.64 1.48 -6.33
N LEU A 358 -8.97 0.57 -7.03
CA LEU A 358 -7.59 0.79 -7.40
C LEU A 358 -7.48 1.97 -8.34
N SER A 359 -8.61 2.38 -8.94
CA SER A 359 -8.60 3.51 -9.88
C SER A 359 -8.12 4.81 -9.26
N MET A 360 -8.33 4.98 -7.95
CA MET A 360 -7.90 6.21 -7.26
C MET A 360 -6.56 6.05 -6.60
N ASN A 361 -5.93 4.92 -6.87
CA ASN A 361 -4.64 4.59 -6.33
C ASN A 361 -3.60 5.18 -7.28
N VAL A 362 -3.77 6.45 -7.61
CA VAL A 362 -2.88 7.13 -8.53
C VAL A 362 -1.54 7.47 -7.89
N LEU A 363 -0.54 7.78 -8.71
CA LEU A 363 0.80 8.15 -8.23
C LEU A 363 1.03 9.52 -8.83
N MET A 364 1.46 10.48 -8.04
CA MET A 364 1.70 11.81 -8.59
C MET A 364 3.18 11.97 -8.96
N LEU A 365 3.43 12.32 -10.22
CA LEU A 365 4.79 12.54 -10.68
C LEU A 365 5.17 13.90 -10.13
N ASP A 366 4.18 14.77 -9.98
CA ASP A 366 4.35 16.09 -9.40
C ASP A 366 2.97 16.65 -9.15
N GLU A 367 2.85 17.88 -8.69
CA GLU A 367 1.53 18.41 -8.39
C GLU A 367 0.59 18.41 -9.55
N LYS A 368 1.10 18.69 -10.75
CA LYS A 368 0.27 18.73 -11.94
C LYS A 368 0.36 17.53 -12.89
N ARG A 369 1.08 16.47 -12.53
CA ARG A 369 1.20 15.29 -13.39
C ARG A 369 0.85 14.08 -12.56
N VAL A 370 -0.13 13.30 -13.02
CA VAL A 370 -0.57 12.11 -12.33
C VAL A 370 -0.53 10.90 -13.26
N MET A 371 -0.06 9.75 -12.77
CA MET A 371 -0.03 8.53 -13.56
C MET A 371 -1.34 7.86 -13.19
N VAL A 372 -2.21 7.65 -14.18
CA VAL A 372 -3.54 7.12 -13.93
C VAL A 372 -3.84 5.97 -14.89
N ASP A 373 -4.77 5.10 -14.52
CA ASP A 373 -5.11 3.97 -15.37
C ASP A 373 -5.76 4.39 -16.69
N ALA A 374 -5.24 3.83 -17.79
CA ALA A 374 -5.72 4.14 -19.13
C ALA A 374 -7.18 3.84 -19.38
N ASN A 375 -7.69 2.82 -18.72
CA ASN A 375 -9.06 2.40 -18.88
C ASN A 375 -10.05 3.20 -18.10
N GLU A 376 -9.61 3.86 -17.04
CA GLU A 376 -10.55 4.59 -16.19
C GLU A 376 -10.77 5.99 -16.69
N VAL A 377 -11.49 6.13 -17.78
CA VAL A 377 -11.73 7.46 -18.34
C VAL A 377 -12.40 8.46 -17.42
N PRO A 378 -13.45 8.06 -16.69
CA PRO A 378 -14.13 9.00 -15.80
C PRO A 378 -13.20 9.76 -14.85
N ILE A 379 -12.26 9.05 -14.22
CA ILE A 379 -11.33 9.71 -13.30
C ILE A 379 -10.28 10.51 -14.07
N GLN A 380 -10.01 10.15 -15.32
CA GLN A 380 -9.07 10.90 -16.16
C GLN A 380 -9.63 12.30 -16.41
N LYS A 381 -10.92 12.36 -16.73
CA LYS A 381 -11.58 13.63 -17.00
C LYS A 381 -11.60 14.49 -15.75
N MET A 382 -11.73 13.84 -14.61
CA MET A 382 -11.74 14.53 -13.33
C MET A 382 -10.43 15.29 -13.12
N PHE A 383 -9.30 14.61 -13.33
CA PHE A 383 -8.02 15.25 -13.17
C PHE A 383 -7.83 16.32 -14.21
N GLU A 384 -8.31 16.06 -15.42
CA GLU A 384 -8.18 17.03 -16.49
C GLU A 384 -8.90 18.32 -16.21
N LYS A 385 -10.09 18.25 -15.63
CA LYS A 385 -10.82 19.49 -15.32
C LYS A 385 -10.11 20.29 -14.22
N LEU A 386 -9.27 19.61 -13.45
CA LEU A 386 -8.50 20.23 -12.37
C LEU A 386 -7.14 20.76 -12.83
N GLY A 387 -6.84 20.60 -14.10
CA GLY A 387 -5.59 21.09 -14.65
C GLY A 387 -4.41 20.18 -14.46
N ILE A 388 -4.68 18.93 -14.12
CA ILE A 388 -3.64 17.95 -13.88
C ILE A 388 -3.48 17.09 -15.12
N THR A 389 -2.27 17.08 -15.67
CA THR A 389 -1.94 16.30 -16.85
C THR A 389 -1.99 14.82 -16.55
N THR A 390 -2.81 14.08 -17.28
CA THR A 390 -2.92 12.64 -17.05
C THR A 390 -1.95 11.84 -17.91
N ILE A 391 -1.15 10.98 -17.28
CA ILE A 391 -0.19 10.14 -17.98
C ILE A 391 -0.85 8.78 -17.85
N LYS A 392 -1.50 8.33 -18.92
CA LYS A 392 -2.25 7.09 -18.90
C LYS A 392 -1.45 5.87 -19.22
N VAL A 393 -1.48 4.88 -18.32
CA VAL A 393 -0.76 3.62 -18.49
C VAL A 393 -1.75 2.53 -18.20
N ASN A 394 -1.69 1.42 -18.92
CA ASN A 394 -2.64 0.32 -18.68
C ASN A 394 -2.01 -0.71 -17.73
N ILE A 395 -2.64 -0.97 -16.58
CA ILE A 395 -2.14 -1.98 -15.66
C ILE A 395 -3.29 -2.84 -15.15
N ARG A 396 -4.20 -3.12 -16.06
CA ARG A 396 -5.37 -3.93 -15.76
C ARG A 396 -5.02 -5.27 -15.14
N ASN A 397 -4.04 -5.98 -15.69
CA ASN A 397 -3.68 -7.29 -15.15
C ASN A 397 -2.83 -7.23 -13.88
N ALA A 398 -2.06 -6.15 -13.73
CA ALA A 398 -1.24 -5.96 -12.54
C ALA A 398 -2.19 -5.67 -11.36
N ASN A 399 -3.34 -5.06 -11.65
CA ASN A 399 -4.36 -4.75 -10.66
C ASN A 399 -4.77 -6.04 -9.94
N SER A 400 -4.78 -7.17 -10.65
CA SER A 400 -5.21 -8.41 -10.03
C SER A 400 -4.36 -8.80 -8.82
N LEU A 401 -3.09 -8.40 -8.81
CA LEU A 401 -2.20 -8.72 -7.71
C LEU A 401 -2.51 -7.90 -6.46
N GLY A 402 -3.29 -6.83 -6.60
CA GLY A 402 -3.68 -6.06 -5.44
C GLY A 402 -3.43 -4.58 -5.38
N GLY A 403 -2.92 -3.98 -6.45
CA GLY A 403 -2.67 -2.55 -6.38
C GLY A 403 -2.55 -1.75 -7.64
N GLY A 404 -2.66 -0.44 -7.49
CA GLY A 404 -2.55 0.46 -8.61
C GLY A 404 -1.16 1.04 -8.63
N PHE A 405 -1.01 2.23 -9.19
CA PHE A 405 0.30 2.86 -9.29
C PHE A 405 0.99 3.17 -8.00
N HIS A 406 0.22 3.64 -7.02
CA HIS A 406 0.80 4.01 -5.73
C HIS A 406 1.25 2.76 -4.97
N CYS A 407 0.54 1.65 -5.13
CA CYS A 407 0.90 0.41 -4.47
C CYS A 407 2.12 -0.24 -5.13
N TRP A 408 2.23 -0.15 -6.46
CA TRP A 408 3.35 -0.76 -7.19
C TRP A 408 4.68 0.00 -7.08
N THR A 409 4.67 1.16 -6.42
CA THR A 409 5.89 1.95 -6.31
C THR A 409 6.20 2.41 -4.87
N CYS A 410 7.39 2.97 -4.71
CA CYS A 410 7.81 3.55 -3.47
C CYS A 410 8.70 4.69 -3.91
N ASP A 411 8.24 5.92 -3.66
CA ASP A 411 8.98 7.10 -4.00
C ASP A 411 10.17 7.25 -3.07
N VAL A 412 11.37 7.09 -3.62
CA VAL A 412 12.61 7.18 -2.86
C VAL A 412 13.10 8.62 -2.74
N ARG A 413 12.99 9.39 -3.82
CA ARG A 413 13.43 10.77 -3.81
C ARG A 413 12.50 11.66 -4.59
N ARG A 414 12.05 12.74 -3.95
CA ARG A 414 11.18 13.77 -4.53
C ARG A 414 11.81 15.12 -4.21
N ARG A 415 11.92 16.00 -5.20
CA ARG A 415 12.52 17.30 -4.97
C ARG A 415 11.61 18.20 -4.14
N GLY A 416 12.03 18.51 -2.91
CA GLY A 416 11.25 19.36 -2.02
C GLY A 416 11.71 19.40 -0.58
N THR A 417 11.05 20.19 0.26
CA THR A 417 11.45 20.30 1.68
C THR A 417 10.34 19.92 2.67
N LEU A 418 10.74 19.69 3.92
CA LEU A 418 9.81 19.32 4.97
C LEU A 418 8.95 20.52 5.30
N GLN A 419 7.64 20.39 5.11
CA GLN A 419 6.75 21.50 5.39
C GLN A 419 5.52 21.03 6.14
N SER A 420 4.72 21.97 6.60
CA SER A 420 3.47 21.65 7.28
C SER A 420 2.36 22.10 6.33
N TYR A 421 1.29 21.32 6.21
CA TYR A 421 0.18 21.63 5.32
C TYR A 421 -1.14 21.63 6.06
N LEU A 422 -1.06 21.38 7.36
CA LEU A 422 -2.22 21.34 8.23
C LEU A 422 -2.28 22.66 8.99
N ASP A 423 -1.35 23.57 8.64
CA ASP A 423 -1.18 24.91 9.21
C ASP A 423 -0.14 24.83 10.33
#